data_4EZY
#
_entry.id   4EZY
#
_cell.length_a   94.435
_cell.length_b   116.824
_cell.length_c   37.195
_cell.angle_alpha   90.00
_cell.angle_beta   90.00
_cell.angle_gamma   90.00
#
_symmetry.space_group_name_H-M   'I 2 2 2'
#
loop_
_entity.id
_entity.type
_entity.pdbx_description
1 polymer 'Chaperone protein DnaK'
2 polymer 'synthetic peptide NRLILTG'
3 non-polymer 'SULFATE ION'
4 water water
#
loop_
_entity_poly.entity_id
_entity_poly.type
_entity_poly.pdbx_seq_one_letter_code
_entity_poly.pdbx_strand_id
1 'polypeptide(L)'
;VLLLDVTPLSLGIETMGGVMTTLIAKNTTIPTKHSQVFSTAEDNQSAVTIHVLQGERKRAADNKSLGQFNLDGINPAPRG
MPQIEVTFDIDADGILHVSAKDKNSGKEQKITIKASSGLNEDEIQKMVRDAEANAEADRKFEELVQTRNQGDHLLHSTRK
QVEEAGDKLPADDKTAIESALTALETALKGEDKAAIEAKMQELAQVSQKLMEIAQQQHA
;
A
2 'polypeptide(L)' NRLILTG B
#
# COMPACT_ATOMS: atom_id res chain seq x y z
N VAL A 1 38.82 -0.04 4.97
CA VAL A 1 38.39 0.40 3.62
C VAL A 1 38.36 1.93 3.54
N LEU A 2 38.72 2.48 2.40
CA LEU A 2 38.75 3.90 2.16
C LEU A 2 37.47 4.27 1.47
N LEU A 3 36.73 3.27 1.11
CA LEU A 3 35.58 3.51 0.29
C LEU A 3 34.49 2.53 0.66
N LEU A 4 33.25 2.97 0.55
CA LEU A 4 32.07 2.12 0.52
C LEU A 4 31.15 2.33 -0.66
N ASP A 5 30.57 1.22 -1.10
CA ASP A 5 29.42 1.23 -1.97
C ASP A 5 28.17 1.37 -1.12
N VAL A 6 27.50 2.50 -1.25
CA VAL A 6 26.20 2.68 -0.59
C VAL A 6 25.12 3.17 -1.56
N THR A 7 23.88 2.84 -1.23
CA THR A 7 22.74 3.41 -1.92
C THR A 7 22.61 4.89 -1.57
N PRO A 8 22.59 5.75 -2.60
CA PRO A 8 22.47 7.17 -2.31
C PRO A 8 21.03 7.57 -1.98
N LEU A 9 20.06 6.73 -2.38
CA LEU A 9 18.61 7.01 -2.16
C LEU A 9 17.89 5.72 -1.84
N SER A 10 16.82 5.83 -1.01
CA SER A 10 15.96 4.70 -0.75
C SER A 10 15.37 4.12 -2.08
N LEU A 11 15.08 2.82 -2.00
CA LEU A 11 14.48 2.06 -3.13
C LEU A 11 13.30 1.27 -2.58
N GLY A 12 12.19 1.31 -3.30
CA GLY A 12 11.01 0.49 -2.98
C GLY A 12 9.96 0.50 -4.06
N ILE A 13 8.68 0.39 -3.64
CA ILE A 13 7.58 0.14 -4.49
C ILE A 13 6.38 1.03 -4.10
N GLU A 14 5.48 1.18 -5.04
CA GLU A 14 4.28 1.92 -4.77
C GLU A 14 3.30 0.99 -4.17
N THR A 15 2.74 1.36 -3.00
CA THR A 15 1.57 0.67 -2.42
C THR A 15 0.28 1.53 -2.33
N MET A 16 -0.80 0.87 -1.90
CA MET A 16 -2.11 1.51 -1.96
C MET A 16 -2.20 2.93 -1.39
N GLY A 17 -2.73 3.88 -2.18
CA GLY A 17 -2.76 5.27 -1.74
C GLY A 17 -1.72 6.09 -2.52
N GLY A 18 -0.94 5.41 -3.38
CA GLY A 18 0.11 6.14 -4.09
C GLY A 18 1.30 6.50 -3.22
N VAL A 19 1.65 5.62 -2.27
CA VAL A 19 2.77 5.90 -1.36
C VAL A 19 4.01 5.04 -1.70
N MET A 20 5.24 5.57 -1.43
CA MET A 20 6.42 4.79 -1.67
C MET A 20 6.66 4.00 -0.38
N THR A 21 6.75 2.70 -0.49
CA THR A 21 7.08 1.83 0.66
C THR A 21 8.52 1.40 0.44
N THR A 22 9.40 1.63 1.42
CA THR A 22 10.85 1.40 1.14
C THR A 22 11.20 -0.04 1.45
N LEU A 23 11.90 -0.68 0.51
CA LEU A 23 12.53 -2.00 0.78
C LEU A 23 13.97 -1.88 1.15
N ILE A 24 14.75 -1.00 0.49
CA ILE A 24 16.16 -0.84 0.92
C ILE A 24 16.40 0.67 1.29
N ALA A 25 16.69 0.95 2.54
CA ALA A 25 16.88 2.38 2.95
C ALA A 25 18.12 3.05 2.30
N LYS A 26 17.97 4.35 2.06
CA LYS A 26 19.08 5.23 1.76
C LYS A 26 20.34 4.89 2.58
N ASN A 27 21.48 4.87 1.90
CA ASN A 27 22.82 4.62 2.52
C ASN A 27 22.99 3.23 3.09
N THR A 28 22.37 2.22 2.47
CA THR A 28 22.58 0.84 2.86
C THR A 28 23.81 0.46 2.03
N THR A 29 24.70 -0.34 2.62
CA THR A 29 25.91 -0.78 1.94
C THR A 29 25.54 -1.96 1.09
N ILE A 30 26.06 -2.01 -0.11
CA ILE A 30 25.73 -3.13 -0.98
C ILE A 30 26.96 -4.01 -1.06
N PRO A 31 26.75 -5.32 -1.39
CA PRO A 31 25.47 -5.98 -1.75
C PRO A 31 24.48 -6.11 -0.60
N THR A 32 23.19 -6.20 -0.93
CA THR A 32 22.20 -6.35 0.10
C THR A 32 20.97 -7.02 -0.52
N LYS A 33 20.20 -7.75 0.28
CA LYS A 33 18.93 -8.34 -0.19
C LYS A 33 17.87 -8.20 0.96
N HIS A 34 16.76 -7.56 0.63
CA HIS A 34 15.64 -7.36 1.58
C HIS A 34 14.35 -7.82 0.95
N SER A 35 13.44 -8.37 1.74
CA SER A 35 12.14 -8.79 1.22
CA SER A 35 12.13 -8.72 1.17
C SER A 35 11.01 -8.34 2.10
N GLN A 36 9.80 -8.14 1.55
CA GLN A 36 8.62 -7.92 2.41
C GLN A 36 7.45 -8.54 1.69
N VAL A 37 6.38 -8.86 2.42
CA VAL A 37 5.28 -9.60 1.79
C VAL A 37 4.11 -8.66 1.76
N PHE A 38 3.50 -8.53 0.58
CA PHE A 38 2.43 -7.65 0.30
C PHE A 38 1.18 -8.46 -0.11
N SER A 39 0.05 -7.76 -0.33
CA SER A 39 -1.12 -8.54 -0.67
C SER A 39 -1.92 -7.67 -1.63
N THR A 40 -3.09 -8.16 -1.93
CA THR A 40 -3.98 -7.52 -2.91
C THR A 40 -4.89 -6.50 -2.26
N ALA A 41 -5.29 -5.49 -3.05
CA ALA A 41 -6.23 -4.45 -2.55
C ALA A 41 -7.73 -4.75 -2.74
N GLU A 42 -8.12 -5.62 -3.66
CA GLU A 42 -9.51 -5.92 -3.98
C GLU A 42 -9.84 -7.40 -3.94
N ASP A 43 -11.10 -7.76 -3.62
CA ASP A 43 -11.53 -9.14 -3.70
C ASP A 43 -11.35 -9.62 -5.14
N ASN A 44 -10.91 -10.87 -5.29
CA ASN A 44 -10.79 -11.49 -6.62
C ASN A 44 -9.75 -10.80 -7.52
N GLN A 45 -8.86 -10.01 -6.95
CA GLN A 45 -7.74 -9.44 -7.71
C GLN A 45 -6.83 -10.48 -8.35
N SER A 46 -6.63 -10.40 -9.66
CA SER A 46 -5.86 -11.50 -10.33
C SER A 46 -4.39 -11.12 -10.64
N ALA A 47 -4.05 -9.86 -10.43
CA ALA A 47 -2.72 -9.38 -10.76
C ALA A 47 -2.30 -8.24 -9.82
N VAL A 48 -1.00 -8.06 -9.66
CA VAL A 48 -0.44 -6.90 -8.95
C VAL A 48 0.58 -6.24 -9.84
N THR A 49 0.61 -4.91 -9.78
CA THR A 49 1.59 -4.12 -10.52
C THR A 49 2.69 -3.69 -9.50
N ILE A 50 3.93 -4.12 -9.77
CA ILE A 50 5.10 -3.71 -8.98
C ILE A 50 5.73 -2.48 -9.68
N HIS A 51 5.57 -1.31 -9.06
CA HIS A 51 6.12 -0.09 -9.60
C HIS A 51 7.31 0.26 -8.73
N VAL A 52 8.51 0.14 -9.29
CA VAL A 52 9.81 0.37 -8.59
C VAL A 52 10.23 1.82 -8.55
N LEU A 53 10.60 2.26 -7.34
CA LEU A 53 10.86 3.70 -7.11
C LEU A 53 12.17 3.92 -6.42
N GLN A 54 12.77 5.07 -6.74
CA GLN A 54 13.96 5.54 -6.10
C GLN A 54 13.70 6.93 -5.56
N GLY A 55 14.01 7.09 -4.27
CA GLY A 55 13.90 8.42 -3.68
C GLY A 55 13.47 8.46 -2.25
N GLU A 56 13.25 9.69 -1.75
CA GLU A 56 12.95 9.87 -0.31
C GLU A 56 11.57 10.48 -0.03
N ARG A 57 10.78 10.71 -1.07
CA ARG A 57 9.45 11.33 -0.92
C ARG A 57 8.38 10.31 -0.58
N LYS A 58 7.35 10.73 0.17
CA LYS A 58 6.28 9.77 0.54
C LYS A 58 5.34 9.48 -0.59
N ARG A 59 5.08 10.49 -1.44
CA ARG A 59 4.24 10.28 -2.62
C ARG A 59 5.09 9.55 -3.74
N ALA A 60 4.60 8.39 -4.18
CA ALA A 60 5.25 7.64 -5.26
C ALA A 60 5.57 8.51 -6.47
N ALA A 61 4.59 9.34 -6.88
CA ALA A 61 4.73 10.16 -8.04
C ALA A 61 5.90 11.18 -7.85
N ASP A 62 6.38 11.43 -6.61
CA ASP A 62 7.46 12.46 -6.42
C ASP A 62 8.86 11.82 -6.41
N ASN A 63 8.88 10.50 -6.51
CA ASN A 63 10.11 9.77 -6.63
C ASN A 63 10.40 9.40 -8.06
N LYS A 64 11.64 8.93 -8.31
CA LYS A 64 12.01 8.46 -9.65
C LYS A 64 11.58 7.01 -9.91
N SER A 65 10.85 6.82 -11.03
CA SER A 65 10.33 5.54 -11.46
C SER A 65 11.45 4.75 -12.16
N LEU A 66 11.83 3.61 -11.59
CA LEU A 66 12.88 2.77 -12.17
C LEU A 66 12.34 1.71 -13.11
N GLY A 67 11.03 1.51 -13.10
CA GLY A 67 10.40 0.50 -13.96
C GLY A 67 9.12 0.03 -13.33
N GLN A 68 8.34 -0.74 -14.11
CA GLN A 68 7.28 -1.53 -13.52
C GLN A 68 7.04 -2.81 -14.27
N PHE A 69 6.45 -3.78 -13.58
CA PHE A 69 6.07 -5.06 -14.19
C PHE A 69 4.89 -5.58 -13.40
N ASN A 70 4.16 -6.52 -14.01
CA ASN A 70 2.98 -7.12 -13.36
C ASN A 70 3.26 -8.55 -13.00
N LEU A 71 2.64 -9.03 -11.91
CA LEU A 71 2.56 -10.47 -11.64
C LEU A 71 1.10 -10.84 -11.76
N ASP A 72 0.77 -11.72 -12.71
CA ASP A 72 -0.58 -12.25 -12.97
C ASP A 72 -0.83 -13.62 -12.33
N GLY A 73 -2.02 -14.16 -12.56
CA GLY A 73 -2.32 -15.56 -12.17
C GLY A 73 -2.56 -15.76 -10.66
N ILE A 74 -2.81 -14.67 -9.94
CA ILE A 74 -3.27 -14.72 -8.55
C ILE A 74 -4.66 -15.38 -8.54
N ASN A 75 -4.81 -16.43 -7.74
CA ASN A 75 -6.06 -17.19 -7.71
C ASN A 75 -7.13 -16.40 -6.93
N PRO A 76 -8.40 -16.63 -7.20
CA PRO A 76 -9.47 -15.78 -6.57
C PRO A 76 -9.43 -15.87 -5.05
N ALA A 77 -9.54 -14.73 -4.36
CA ALA A 77 -9.41 -14.77 -2.87
C ALA A 77 -9.90 -13.44 -2.40
N PRO A 78 -10.28 -13.36 -1.14
CA PRO A 78 -10.65 -12.07 -0.56
C PRO A 78 -9.44 -11.09 -0.56
N ARG A 79 -9.67 -9.76 -0.70
CA ARG A 79 -8.49 -8.82 -0.61
C ARG A 79 -7.68 -9.11 0.67
N GLY A 80 -6.38 -8.90 0.57
CA GLY A 80 -5.53 -9.00 1.76
C GLY A 80 -5.11 -10.43 2.12
N MET A 81 -5.57 -11.46 1.38
CA MET A 81 -5.17 -12.78 1.72
C MET A 81 -3.96 -13.31 0.97
N PRO A 82 -3.89 -13.05 -0.35
CA PRO A 82 -2.74 -13.53 -1.11
C PRO A 82 -1.40 -13.02 -0.52
N GLN A 83 -0.30 -13.78 -0.70
CA GLN A 83 0.93 -13.33 -0.14
C GLN A 83 1.87 -13.19 -1.29
N ILE A 84 2.28 -11.97 -1.54
CA ILE A 84 3.09 -11.68 -2.71
C ILE A 84 4.41 -11.19 -2.17
N GLU A 85 5.45 -12.00 -2.27
CA GLU A 85 6.70 -11.60 -1.63
C GLU A 85 7.51 -10.84 -2.64
N VAL A 86 7.95 -9.65 -2.23
CA VAL A 86 8.71 -8.78 -3.09
C VAL A 86 10.11 -8.68 -2.55
N THR A 87 11.09 -9.03 -3.35
CA THR A 87 12.50 -8.99 -2.89
C THR A 87 13.30 -8.00 -3.74
N PHE A 88 14.11 -7.16 -3.10
CA PHE A 88 15.00 -6.20 -3.78
C PHE A 88 16.41 -6.74 -3.47
N ASP A 89 17.15 -7.08 -4.52
CA ASP A 89 18.49 -7.71 -4.38
C ASP A 89 19.51 -6.88 -5.20
N ILE A 90 20.42 -6.18 -4.54
CA ILE A 90 21.50 -5.46 -5.23
C ILE A 90 22.79 -6.18 -5.01
N ASP A 91 23.35 -6.59 -6.14
CA ASP A 91 24.53 -7.41 -6.11
C ASP A 91 25.82 -6.53 -6.02
N ALA A 92 26.95 -7.22 -5.89
CA ALA A 92 28.29 -6.59 -5.89
C ALA A 92 28.53 -5.61 -7.05
N ASP A 93 27.89 -5.81 -8.20
CA ASP A 93 28.06 -4.95 -9.37
C ASP A 93 27.10 -3.75 -9.37
N GLY A 94 26.33 -3.57 -8.29
CA GLY A 94 25.32 -2.47 -8.26
C GLY A 94 24.05 -2.65 -9.14
N ILE A 95 23.80 -3.87 -9.62
CA ILE A 95 22.60 -4.17 -10.41
C ILE A 95 21.45 -4.52 -9.43
N LEU A 96 20.27 -3.93 -9.64
CA LEU A 96 19.10 -4.23 -8.79
C LEU A 96 18.15 -5.22 -9.49
N HIS A 97 17.90 -6.32 -8.81
CA HIS A 97 16.96 -7.35 -9.24
C HIS A 97 15.77 -7.25 -8.34
N VAL A 98 14.59 -6.99 -8.90
CA VAL A 98 13.33 -6.97 -8.12
C VAL A 98 12.44 -8.13 -8.51
N SER A 99 12.03 -8.95 -7.56
CA SER A 99 11.12 -10.04 -7.95
C SER A 99 9.87 -10.04 -7.10
N ALA A 100 8.76 -10.56 -7.67
CA ALA A 100 7.51 -10.69 -6.93
C ALA A 100 7.10 -12.12 -7.18
N LYS A 101 6.87 -12.81 -6.06
CA LYS A 101 6.48 -14.21 -6.02
C LYS A 101 5.18 -14.37 -5.25
N ASP A 102 4.24 -15.09 -5.86
CA ASP A 102 2.99 -15.45 -5.21
C ASP A 102 3.25 -16.76 -4.45
N LYS A 103 3.08 -16.75 -3.14
CA LYS A 103 3.49 -17.95 -2.40
C LYS A 103 2.51 -19.08 -2.51
N ASN A 104 1.27 -18.80 -2.90
CA ASN A 104 0.30 -19.89 -3.19
C ASN A 104 0.78 -20.66 -4.43
N SER A 105 1.00 -19.99 -5.56
CA SER A 105 1.36 -20.69 -6.83
C SER A 105 2.84 -20.93 -7.01
N GLY A 106 3.66 -20.12 -6.37
CA GLY A 106 5.07 -20.24 -6.62
C GLY A 106 5.45 -19.50 -7.91
N LYS A 107 4.45 -18.90 -8.57
CA LYS A 107 4.67 -17.96 -9.71
C LYS A 107 5.52 -16.71 -9.40
N GLU A 108 6.42 -16.33 -10.31
CA GLU A 108 7.33 -15.24 -10.00
C GLU A 108 7.55 -14.42 -11.30
N GLN A 109 7.64 -13.12 -11.14
CA GLN A 109 8.15 -12.21 -12.19
C GLN A 109 9.20 -11.28 -11.61
N LYS A 110 10.10 -10.86 -12.49
CA LYS A 110 11.27 -10.01 -12.13
C LYS A 110 11.42 -8.85 -13.08
N ILE A 111 12.00 -7.81 -12.54
CA ILE A 111 12.58 -6.74 -13.35
C ILE A 111 14.07 -6.60 -12.95
N THR A 112 14.95 -6.38 -13.92
CA THR A 112 16.38 -6.08 -13.63
C THR A 112 16.73 -4.68 -14.06
N ILE A 113 17.40 -3.93 -13.18
CA ILE A 113 17.59 -2.51 -13.35
C ILE A 113 19.10 -2.28 -13.21
N LYS A 114 19.72 -1.89 -14.32
CA LYS A 114 21.17 -1.84 -14.41
C LYS A 114 21.70 -0.68 -13.54
N ALA A 115 23.00 -0.72 -13.21
CA ALA A 115 23.54 0.09 -12.11
C ALA A 115 23.44 1.57 -12.45
N SER A 116 23.36 1.84 -13.77
CA SER A 116 23.36 3.22 -14.29
C SER A 116 22.00 3.91 -14.25
N SER A 117 20.95 3.14 -13.98
CA SER A 117 19.58 3.66 -13.96
C SER A 117 19.34 4.68 -12.85
N GLY A 118 18.19 5.33 -12.87
CA GLY A 118 17.79 6.22 -11.77
C GLY A 118 18.47 7.59 -11.88
N LEU A 119 18.51 8.27 -10.75
CA LEU A 119 18.80 9.70 -10.73
C LEU A 119 20.29 9.87 -10.75
N ASN A 120 20.78 10.88 -11.48
CA ASN A 120 22.20 11.22 -11.49
C ASN A 120 22.60 11.96 -10.19
N GLU A 121 23.88 12.27 -10.01
CA GLU A 121 24.26 12.98 -8.76
C GLU A 121 23.54 14.29 -8.52
N ASP A 122 23.30 15.11 -9.57
CA ASP A 122 22.56 16.40 -9.38
C ASP A 122 21.10 16.17 -8.93
N GLU A 123 20.45 15.12 -9.43
CA GLU A 123 19.07 14.90 -9.02
C GLU A 123 19.03 14.28 -7.62
N ILE A 124 20.08 13.50 -7.31
CA ILE A 124 20.17 12.88 -6.01
C ILE A 124 20.25 13.97 -4.96
N GLN A 125 21.12 14.97 -5.20
CA GLN A 125 21.18 16.08 -4.23
C GLN A 125 19.86 16.84 -4.19
N LYS A 126 19.28 17.14 -5.35
CA LYS A 126 17.99 17.80 -5.36
C LYS A 126 16.90 17.01 -4.56
N MET A 127 16.83 15.70 -4.77
CA MET A 127 15.91 14.82 -4.08
C MET A 127 16.08 14.92 -2.56
N VAL A 128 17.32 14.91 -2.06
CA VAL A 128 17.56 14.83 -0.59
C VAL A 128 17.14 16.14 0.07
N ARG A 129 17.36 17.25 -0.62
CA ARG A 129 16.94 18.54 -0.06
C ARG A 129 15.45 18.82 -0.27
N ASP A 130 14.86 18.33 -1.39
CA ASP A 130 13.38 18.35 -1.55
C ASP A 130 12.62 17.54 -0.50
N ALA A 131 13.12 16.33 -0.19
CA ALA A 131 12.54 15.52 0.88
C ALA A 131 12.60 16.33 2.16
N GLU A 132 13.75 17.00 2.39
CA GLU A 132 13.89 17.88 3.60
C GLU A 132 12.98 19.12 3.55
N ALA A 133 12.84 19.75 2.39
CA ALA A 133 12.02 20.99 2.30
C ALA A 133 10.53 20.66 2.52
N ASN A 134 10.20 19.40 2.30
CA ASN A 134 8.85 18.96 2.24
C ASN A 134 8.45 17.94 3.30
N ALA A 135 9.18 17.89 4.41
CA ALA A 135 8.98 16.80 5.38
C ALA A 135 7.57 16.93 5.91
N GLU A 136 7.14 18.18 6.12
CA GLU A 136 5.77 18.42 6.58
C GLU A 136 4.63 18.04 5.58
N ALA A 137 4.70 18.55 4.35
CA ALA A 137 3.69 18.22 3.34
C ALA A 137 3.66 16.70 3.11
N ASP A 138 4.83 16.07 3.09
CA ASP A 138 4.88 14.59 3.00
C ASP A 138 4.24 13.91 4.23
N ARG A 139 4.44 14.44 5.43
CA ARG A 139 3.79 13.85 6.56
C ARG A 139 2.28 13.94 6.42
N LYS A 140 1.78 15.09 6.01
CA LYS A 140 0.32 15.26 5.93
C LYS A 140 -0.22 14.31 4.88
N PHE A 141 0.49 14.20 3.73
CA PHE A 141 0.14 13.20 2.73
C PHE A 141 0.10 11.77 3.28
N GLU A 142 1.10 11.42 4.07
CA GLU A 142 1.13 10.06 4.65
C GLU A 142 -0.10 9.84 5.56
N GLU A 143 -0.42 10.84 6.38
CA GLU A 143 -1.55 10.72 7.29
CA GLU A 143 -1.55 10.72 7.32
C GLU A 143 -2.86 10.63 6.54
N LEU A 144 -2.95 11.31 5.39
CA LEU A 144 -4.20 11.26 4.59
C LEU A 144 -4.39 9.90 3.98
N VAL A 145 -3.30 9.35 3.43
CA VAL A 145 -3.34 7.99 2.80
C VAL A 145 -3.71 6.93 3.84
N GLN A 146 -3.20 7.12 5.05
CA GLN A 146 -3.47 6.18 6.17
C GLN A 146 -4.98 6.26 6.54
N THR A 147 -5.49 7.47 6.71
CA THR A 147 -6.93 7.69 6.92
C THR A 147 -7.72 7.06 5.79
N ARG A 148 -7.41 7.41 4.53
CA ARG A 148 -8.17 6.84 3.42
C ARG A 148 -8.14 5.28 3.42
N ASN A 149 -6.99 4.69 3.72
CA ASN A 149 -6.88 3.24 3.75
C ASN A 149 -7.70 2.62 4.88
N GLN A 150 -7.70 3.26 6.03
CA GLN A 150 -8.51 2.78 7.17
C GLN A 150 -9.97 2.93 6.79
N GLY A 151 -10.33 3.97 6.05
CA GLY A 151 -11.75 4.15 5.71
C GLY A 151 -12.14 3.06 4.71
N ASP A 152 -11.23 2.70 3.81
CA ASP A 152 -11.55 1.71 2.80
C ASP A 152 -11.67 0.33 3.51
N HIS A 153 -10.77 0.05 4.45
CA HIS A 153 -10.94 -1.13 5.30
C HIS A 153 -12.30 -1.20 5.98
N LEU A 154 -12.68 -0.13 6.69
CA LEU A 154 -14.02 -0.04 7.32
C LEU A 154 -15.16 -0.22 6.34
N LEU A 155 -15.10 0.44 5.19
CA LEU A 155 -16.12 0.27 4.14
C LEU A 155 -16.30 -1.23 3.76
N HIS A 156 -15.18 -1.83 3.38
CA HIS A 156 -15.21 -3.21 2.84
C HIS A 156 -15.59 -4.21 3.90
N SER A 157 -15.02 -4.08 5.10
CA SER A 157 -15.32 -5.06 6.15
CA SER A 157 -15.33 -5.05 6.15
C SER A 157 -16.79 -4.97 6.61
N THR A 158 -17.31 -3.75 6.69
CA THR A 158 -18.65 -3.51 7.17
C THR A 158 -19.58 -4.09 6.12
N ARG A 159 -19.31 -3.90 4.83
CA ARG A 159 -20.17 -4.49 3.79
C ARG A 159 -20.23 -6.00 3.87
N LYS A 160 -19.08 -6.65 4.06
CA LYS A 160 -19.00 -8.11 4.27
C LYS A 160 -19.78 -8.55 5.52
N GLN A 161 -19.70 -7.78 6.61
CA GLN A 161 -20.41 -8.11 7.85
C GLN A 161 -21.91 -7.84 7.74
N VAL A 162 -22.35 -6.81 7.02
CA VAL A 162 -23.81 -6.68 6.75
C VAL A 162 -24.37 -7.95 6.05
N GLU A 163 -23.68 -8.37 4.99
CA GLU A 163 -24.03 -9.62 4.27
C GLU A 163 -24.03 -10.87 5.17
N GLU A 164 -22.98 -11.10 5.97
CA GLU A 164 -23.02 -12.24 6.88
C GLU A 164 -24.12 -12.14 7.95
N ALA A 165 -24.46 -10.92 8.35
CA ALA A 165 -25.54 -10.68 9.31
C ALA A 165 -26.90 -11.08 8.77
N GLY A 166 -27.17 -10.75 7.50
CA GLY A 166 -28.50 -11.00 6.90
C GLY A 166 -29.60 -10.45 7.81
N ASP A 167 -30.60 -11.27 8.09
CA ASP A 167 -31.74 -10.83 8.89
C ASP A 167 -31.50 -10.65 10.39
N LYS A 168 -30.36 -11.12 10.90
CA LYS A 168 -29.99 -10.79 12.29
C LYS A 168 -29.93 -9.26 12.49
N LEU A 169 -29.62 -8.51 11.43
CA LEU A 169 -29.51 -7.04 11.55
C LEU A 169 -30.88 -6.35 11.50
N PRO A 170 -31.25 -5.60 12.57
CA PRO A 170 -32.57 -4.87 12.54
C PRO A 170 -32.69 -3.89 11.38
N ALA A 171 -33.88 -3.72 10.79
CA ALA A 171 -34.02 -2.91 9.57
C ALA A 171 -33.59 -1.46 9.79
N ASP A 172 -33.99 -0.84 10.91
CA ASP A 172 -33.48 0.51 11.27
C ASP A 172 -31.94 0.57 11.19
N ASP A 173 -31.26 -0.43 11.77
CA ASP A 173 -29.80 -0.43 11.77
C ASP A 173 -29.25 -0.51 10.37
N LYS A 174 -29.80 -1.37 9.56
CA LYS A 174 -29.27 -1.55 8.20
C LYS A 174 -29.45 -0.31 7.33
N THR A 175 -30.56 0.40 7.54
CA THR A 175 -30.79 1.64 6.83
C THR A 175 -29.73 2.68 7.22
N ALA A 176 -29.42 2.75 8.52
CA ALA A 176 -28.48 3.74 9.00
C ALA A 176 -27.09 3.39 8.49
N ILE A 177 -26.71 2.11 8.67
CA ILE A 177 -25.44 1.62 8.16
C ILE A 177 -25.26 1.81 6.67
N GLU A 178 -26.26 1.44 5.88
CA GLU A 178 -26.13 1.60 4.41
C GLU A 178 -26.04 3.03 3.89
N SER A 179 -26.74 3.93 4.55
CA SER A 179 -26.62 5.34 4.15
C SER A 179 -25.21 5.83 4.49
N ALA A 180 -24.71 5.41 5.66
CA ALA A 180 -23.36 5.77 6.05
C ALA A 180 -22.24 5.15 5.21
N LEU A 181 -22.41 3.93 4.70
CA LEU A 181 -21.38 3.38 3.79
C LEU A 181 -21.41 4.20 2.47
N THR A 182 -22.58 4.59 2.05
CA THR A 182 -22.65 5.38 0.78
C THR A 182 -21.86 6.68 0.95
N ALA A 183 -22.10 7.36 2.10
CA ALA A 183 -21.43 8.57 2.45
C ALA A 183 -19.90 8.37 2.59
N LEU A 184 -19.48 7.29 3.30
CA LEU A 184 -18.07 6.96 3.33
C LEU A 184 -17.43 6.70 1.93
N GLU A 185 -18.02 5.82 1.11
CA GLU A 185 -17.57 5.59 -0.26
C GLU A 185 -17.33 6.92 -1.01
N THR A 186 -18.24 7.87 -0.83
CA THR A 186 -18.16 9.16 -1.58
C THR A 186 -16.96 9.97 -1.10
N ALA A 187 -16.81 10.01 0.22
CA ALA A 187 -15.75 10.80 0.93
C ALA A 187 -14.40 10.22 0.55
N LEU A 188 -14.34 8.89 0.45
CA LEU A 188 -13.11 8.18 0.02
C LEU A 188 -12.57 8.61 -1.34
N LYS A 189 -13.46 9.12 -2.22
CA LYS A 189 -12.98 9.58 -3.49
C LYS A 189 -12.34 10.97 -3.41
N GLY A 190 -12.47 11.69 -2.30
CA GLY A 190 -11.91 13.02 -2.21
C GLY A 190 -10.58 13.05 -1.55
N GLU A 191 -10.21 14.27 -1.13
CA GLU A 191 -8.92 14.54 -0.51
C GLU A 191 -9.03 15.17 0.87
N ASP A 192 -10.20 15.08 1.50
CA ASP A 192 -10.46 15.84 2.74
C ASP A 192 -10.42 14.83 3.88
N LYS A 193 -9.28 14.85 4.54
CA LYS A 193 -9.12 13.89 5.65
C LYS A 193 -10.24 14.02 6.69
N ALA A 194 -10.62 15.25 7.07
CA ALA A 194 -11.56 15.36 8.20
C ALA A 194 -12.93 14.89 7.73
N ALA A 195 -13.22 14.97 6.44
CA ALA A 195 -14.54 14.50 5.93
C ALA A 195 -14.58 12.97 5.98
N ILE A 196 -13.47 12.34 5.62
CA ILE A 196 -13.35 10.84 5.71
C ILE A 196 -13.53 10.40 7.14
N GLU A 197 -12.80 11.07 8.02
CA GLU A 197 -12.86 10.78 9.48
C GLU A 197 -14.31 10.95 9.96
N ALA A 198 -15.01 11.94 9.42
CA ALA A 198 -16.37 12.27 9.86
C ALA A 198 -17.29 11.10 9.40
N LYS A 199 -17.10 10.65 8.19
CA LYS A 199 -17.97 9.56 7.71
C LYS A 199 -17.66 8.22 8.40
N MET A 200 -16.38 8.00 8.72
CA MET A 200 -15.99 6.79 9.53
C MET A 200 -16.59 6.82 10.88
N GLN A 201 -16.61 8.00 11.51
CA GLN A 201 -17.21 8.16 12.87
C GLN A 201 -18.71 7.88 12.83
N GLU A 202 -19.41 8.46 11.83
CA GLU A 202 -20.84 8.18 11.67
C GLU A 202 -21.10 6.68 11.52
N LEU A 203 -20.31 6.01 10.69
CA LEU A 203 -20.43 4.53 10.62
C LEU A 203 -20.18 3.91 11.98
N ALA A 204 -19.17 4.33 12.74
CA ALA A 204 -19.01 3.65 14.03
C ALA A 204 -20.19 3.91 14.94
N GLN A 205 -20.81 5.06 14.79
CA GLN A 205 -21.89 5.41 15.71
C GLN A 205 -23.15 4.66 15.39
N VAL A 206 -23.31 4.28 14.14
CA VAL A 206 -24.53 3.59 13.76
C VAL A 206 -24.39 2.06 13.63
N SER A 207 -23.19 1.54 13.87
CA SER A 207 -22.90 0.13 13.58
C SER A 207 -22.79 -0.69 14.85
N GLN A 208 -23.16 -0.16 16.02
CA GLN A 208 -22.80 -0.85 17.29
C GLN A 208 -23.56 -2.20 17.36
N LYS A 209 -24.79 -2.23 16.86
CA LYS A 209 -25.53 -3.50 16.84
C LYS A 209 -24.94 -4.48 15.82
N LEU A 210 -24.59 -3.97 14.62
CA LEU A 210 -23.91 -4.84 13.64
C LEU A 210 -22.60 -5.43 14.23
N MET A 211 -21.86 -4.60 14.96
CA MET A 211 -20.54 -5.02 15.53
C MET A 211 -20.79 -6.15 16.50
N GLU A 212 -21.90 -6.06 17.22
CA GLU A 212 -22.17 -7.06 18.21
C GLU A 212 -22.51 -8.41 17.55
N ILE A 213 -23.35 -8.35 16.50
CA ILE A 213 -23.69 -9.54 15.71
C ILE A 213 -22.46 -10.26 15.11
N ALA A 214 -21.61 -9.50 14.42
CA ALA A 214 -20.36 -10.04 13.79
C ALA A 214 -19.38 -10.66 14.79
N GLN A 215 -19.20 -9.99 15.93
CA GLN A 215 -18.43 -10.55 17.07
C GLN A 215 -19.06 -11.91 17.50
N GLN A 216 -20.38 -11.91 17.75
CA GLN A 216 -21.09 -13.14 18.22
C GLN A 216 -20.93 -14.29 17.22
N GLN A 217 -21.08 -13.98 15.92
CA GLN A 217 -20.98 -14.97 14.82
C GLN A 217 -19.74 -15.87 14.85
N HIS A 218 -18.64 -15.34 15.35
CA HIS A 218 -17.37 -16.08 15.42
C HIS A 218 -16.86 -16.32 16.84
N ALA A 219 -17.67 -15.96 17.85
CA ALA A 219 -17.26 -15.92 19.27
C ALA A 219 -16.90 -17.25 19.98
N ASN B 1 -5.17 -3.32 -9.44
CA ASN B 1 -3.78 -3.85 -9.33
C ASN B 1 -2.91 -3.29 -8.21
N ARG B 2 -3.46 -2.70 -7.17
CA ARG B 2 -2.57 -2.15 -6.13
C ARG B 2 -2.10 -3.24 -5.18
N LEU B 3 -1.08 -2.93 -4.40
CA LEU B 3 -0.67 -3.80 -3.30
C LEU B 3 -0.85 -3.13 -2.00
N ILE B 4 -1.21 -3.88 -0.99
CA ILE B 4 -1.25 -3.36 0.30
C ILE B 4 -0.18 -3.95 1.21
N LEU B 5 0.09 -3.26 2.30
CA LEU B 5 0.94 -3.77 3.35
C LEU B 5 0.16 -4.73 4.28
#